data_9PQ6
#
_entry.id   9PQ6
#
_cell.length_a   99.573
_cell.length_b   137.150
_cell.length_c   38.524
_cell.angle_alpha   90.00
_cell.angle_beta   90.00
_cell.angle_gamma   90.00
#
_symmetry.space_group_name_H-M   'P 21 21 2'
#
loop_
_entity.id
_entity.type
_entity.pdbx_description
1 polymer 'Maltose/maltodextrin-binding periplasmic protein,Induced myeloid leukemia cell differentiation protein Mcl-1'
2 branched alpha-D-glucopyranose-(1-4)-alpha-D-glucopyranose
3 non-polymer '17-chloranyl-33-fluoranyl-5,13,14,22-tetramethyl-28-oxa-9-thia-5,6,12,13,24-pentazaheptacyclo[27.7.1.1^{4,7}.0^{11,15}.0^{16,21}.0^{20,24}.0^{30,35}]octatriaconta-1(36),4(38),6,11,14,16,18,20,22,29(37),30(35),31,33-tridecaene-23-carboxylic acid'
4 non-polymer 1,2-ETHANEDIOL
5 non-polymer 'FORMIC ACID'
6 water water
#
_entity_poly.entity_id   1
_entity_poly.type   'polypeptide(L)'
_entity_poly.pdbx_seq_one_letter_code
;GKIEEGKLVIWINGDKGYNGLAEVGKKFEKDTGIKVTVEHPDKLEEKFPQVAATGDGPDIIFWAHDRFGGYAQSGLLAEI
TPDKAFQDKLYPFTWDAVRYNGKLIAYPIAVEALSLIYNKDLLPNPPKTWEEIPALDKELKAKGKSALMFNLQEPYFTWP
LIAADGGYAFKYENGKYDIKDVGVDNAGAKAGLTFLVDLIKNKHMNADTDYSIAEAAFNKGETAMTINGPWAWSNIDTSK
VNYGVTVLPTFKGQPSKPFVGVLSAGINAASPNKELAKEFLENYLLTDEGLEAVNKDKPLGAVALKSYEEELAKDPRIAA
TMENAQKGEIMPNIPQMSAFWYAVRTAVINAASGRQTVDEALKDAQTGSELYRQSLEIISRYLREQATGAADTAPMGASG
ATSRKALETLRRVGDGVQRNHETAFQGMLRKLDIKNEDDVKSLSRVMIHVFSDGVTNWGRIVTLISFGAFVAKHLKTINQ
ESCIEPLAESITDVLVRTKRDWLVKQRGWDGFVEFFHV
;
_entity_poly.pdbx_strand_id   A
#
loop_
_chem_comp.id
_chem_comp.type
_chem_comp.name
_chem_comp.formula
A1CMH non-polymer '17-chloranyl-33-fluoranyl-5,13,14,22-tetramethyl-28-oxa-9-thia-5,6,12,13,24-pentazaheptacyclo[27.7.1.1^{4,7}.0^{11,15}.0^{16,21}.0^{20,24}.0^{30,35}]octatriaconta-1(36),4(38),6,11,14,16,18,20,22,29(37),30(35),31,33-tridecaene-23-carboxylic acid' 'C36 H35 Cl F N5 O3 S'
EDO non-polymer 1,2-ETHANEDIOL 'C2 H6 O2'
FMT non-polymer 'FORMIC ACID' 'C H2 O2'
GLC D-saccharide, alpha linking alpha-D-glucopyranose 'C6 H12 O6'
#
# COMPACT_ATOMS: atom_id res chain seq x y z
N GLY A 1 -3.63 -21.65 14.39
CA GLY A 1 -3.07 -20.75 15.45
C GLY A 1 -1.54 -20.61 15.53
N LYS A 2 -0.82 -21.72 15.35
CA LYS A 2 0.65 -21.76 15.42
C LYS A 2 1.27 -22.27 14.12
N ILE A 3 2.31 -21.57 13.65
CA ILE A 3 3.06 -21.98 12.46
C ILE A 3 3.86 -23.27 12.80
N GLU A 4 3.78 -24.26 11.92
CA GLU A 4 4.48 -25.55 12.06
C GLU A 4 6.02 -25.41 11.95
N GLU A 5 6.73 -25.92 12.96
CA GLU A 5 8.18 -26.01 12.93
C GLU A 5 8.65 -27.11 11.99
N GLY A 6 9.80 -26.89 11.34
CA GLY A 6 10.44 -27.89 10.46
C GLY A 6 9.99 -28.00 9.00
N LYS A 7 9.28 -26.96 8.53
CA LYS A 7 8.90 -26.81 7.12
C LYS A 7 8.86 -25.33 6.81
N LEU A 8 8.72 -24.99 5.52
CA LEU A 8 8.51 -23.59 5.13
C LEU A 8 7.26 -23.48 4.30
N VAL A 9 6.41 -22.55 4.68
CA VAL A 9 5.25 -22.13 3.89
C VAL A 9 5.53 -20.72 3.38
N ILE A 10 5.39 -20.56 2.05
CA ILE A 10 5.67 -19.27 1.37
C ILE A 10 4.40 -18.80 0.65
N TRP A 11 4.08 -17.52 0.83
CA TRP A 11 3.05 -16.83 0.04
C TRP A 11 3.67 -15.86 -0.98
N ILE A 12 3.18 -15.95 -2.22
CA ILE A 12 3.56 -15.05 -3.30
C ILE A 12 2.35 -14.81 -4.19
N ASN A 13 2.29 -13.64 -4.81
CA ASN A 13 1.13 -13.31 -5.66
C ASN A 13 1.04 -14.20 -6.90
N GLY A 14 -0.20 -14.45 -7.30
CA GLY A 14 -0.49 -15.34 -8.41
C GLY A 14 -0.06 -14.86 -9.78
N ASP A 15 0.35 -13.60 -9.93
CA ASP A 15 0.99 -13.08 -11.15
C ASP A 15 2.49 -13.29 -11.27
N LYS A 16 3.14 -13.83 -10.22
N LYS A 16 3.14 -13.83 -10.21
CA LYS A 16 4.58 -14.00 -10.18
CA LYS A 16 4.59 -14.02 -10.18
C LYS A 16 4.94 -15.46 -10.45
C LYS A 16 4.94 -15.48 -10.48
N GLY A 17 6.23 -15.73 -10.59
CA GLY A 17 6.75 -17.07 -10.96
C GLY A 17 6.76 -18.07 -9.80
N TYR A 18 5.56 -18.44 -9.34
CA TYR A 18 5.42 -19.34 -8.16
C TYR A 18 5.85 -20.77 -8.46
N ASN A 19 5.78 -21.21 -9.72
CA ASN A 19 6.28 -22.55 -10.11
C ASN A 19 7.80 -22.54 -10.11
N GLY A 20 8.40 -21.45 -10.59
CA GLY A 20 9.84 -21.28 -10.49
C GLY A 20 10.28 -21.25 -9.04
N LEU A 21 9.53 -20.55 -8.19
CA LEU A 21 9.88 -20.49 -6.76
C LEU A 21 9.79 -21.87 -6.11
N ALA A 22 8.77 -22.64 -6.48
CA ALA A 22 8.64 -24.01 -6.01
C ALA A 22 9.82 -24.90 -6.44
N GLU A 23 10.37 -24.67 -7.63
N GLU A 23 10.37 -24.68 -7.64
CA GLU A 23 11.60 -25.36 -8.10
CA GLU A 23 11.60 -25.39 -8.07
C GLU A 23 12.81 -25.08 -7.20
C GLU A 23 12.79 -25.10 -7.15
N VAL A 24 12.91 -23.84 -6.71
CA VAL A 24 13.95 -23.44 -5.76
C VAL A 24 13.68 -24.13 -4.39
N GLY A 25 12.41 -24.20 -4.00
CA GLY A 25 11.95 -25.01 -2.87
C GLY A 25 12.36 -26.45 -2.92
N LYS A 26 12.26 -27.08 -4.09
CA LYS A 26 12.70 -28.49 -4.29
C LYS A 26 14.20 -28.68 -4.15
N LYS A 27 14.98 -27.72 -4.65
CA LYS A 27 16.43 -27.69 -4.46
C LYS A 27 16.78 -27.60 -2.97
N PHE A 28 16.07 -26.73 -2.23
CA PHE A 28 16.24 -26.62 -0.79
C PHE A 28 15.94 -27.94 -0.06
N GLU A 29 14.83 -28.57 -0.43
CA GLU A 29 14.43 -29.87 0.14
C GLU A 29 15.45 -30.98 -0.13
N LYS A 30 16.03 -30.96 -1.31
CA LYS A 30 17.08 -31.93 -1.69
C LYS A 30 18.34 -31.81 -0.83
N ASP A 31 18.72 -30.60 -0.44
CA ASP A 31 19.87 -30.38 0.46
C ASP A 31 19.59 -30.68 1.92
N THR A 32 18.37 -30.34 2.38
CA THR A 32 18.05 -30.23 3.82
C THR A 32 17.03 -31.23 4.38
N GLY A 33 16.26 -31.87 3.52
CA GLY A 33 15.08 -32.65 3.91
C GLY A 33 13.86 -31.88 4.36
N ILE A 34 13.89 -30.54 4.22
CA ILE A 34 12.82 -29.66 4.66
C ILE A 34 11.95 -29.32 3.45
N LYS A 35 10.66 -29.59 3.58
CA LYS A 35 9.67 -29.40 2.51
C LYS A 35 9.29 -27.90 2.47
N VAL A 36 9.18 -27.36 1.25
CA VAL A 36 8.82 -25.94 1.02
C VAL A 36 7.51 -25.97 0.25
N THR A 37 6.50 -25.30 0.81
CA THR A 37 5.17 -25.20 0.19
C THR A 37 4.99 -23.75 -0.24
N VAL A 38 4.77 -23.55 -1.55
CA VAL A 38 4.49 -22.24 -2.11
C VAL A 38 2.99 -22.19 -2.40
N GLU A 39 2.34 -21.15 -1.87
CA GLU A 39 0.92 -20.87 -2.11
C GLU A 39 0.76 -19.44 -2.68
N HIS A 40 -0.31 -19.25 -3.46
CA HIS A 40 -0.64 -17.94 -4.01
C HIS A 40 -2.10 -17.58 -3.72
N PRO A 41 -2.47 -17.42 -2.43
CA PRO A 41 -3.85 -17.09 -2.10
C PRO A 41 -4.31 -15.75 -2.68
N ASP A 42 -5.61 -15.65 -2.96
N ASP A 42 -5.63 -15.64 -2.91
CA ASP A 42 -6.22 -14.39 -3.36
CA ASP A 42 -6.26 -14.39 -3.30
C ASP A 42 -6.12 -13.39 -2.20
C ASP A 42 -6.12 -13.38 -2.17
N LYS A 43 -5.85 -12.13 -2.54
CA LYS A 43 -5.76 -11.01 -1.59
C LYS A 43 -4.77 -11.27 -0.45
N LEU A 44 -3.64 -11.90 -0.78
CA LEU A 44 -2.71 -12.36 0.27
C LEU A 44 -2.19 -11.16 1.06
N GLU A 45 -2.08 -9.99 0.42
CA GLU A 45 -1.60 -8.77 1.08
C GLU A 45 -2.55 -8.24 2.15
N GLU A 46 -3.84 -8.55 2.00
CA GLU A 46 -4.87 -8.32 3.06
C GLU A 46 -4.96 -9.47 4.05
N LYS A 47 -4.87 -10.73 3.58
CA LYS A 47 -4.90 -11.89 4.49
C LYS A 47 -3.68 -11.93 5.41
N PHE A 48 -2.50 -11.60 4.89
CA PHE A 48 -1.30 -11.70 5.75
C PHE A 48 -1.39 -10.97 7.09
N PRO A 49 -1.75 -9.66 7.10
CA PRO A 49 -1.84 -8.98 8.42
C PRO A 49 -2.88 -9.53 9.40
N GLN A 50 -3.95 -10.09 8.86
CA GLN A 50 -5.00 -10.70 9.70
C GLN A 50 -4.51 -12.00 10.35
N VAL A 51 -3.97 -12.89 9.54
CA VAL A 51 -3.48 -14.20 10.05
C VAL A 51 -2.20 -14.08 10.90
N ALA A 52 -1.28 -13.18 10.50
CA ALA A 52 -0.04 -13.00 11.23
C ALA A 52 -0.26 -12.38 12.60
N ALA A 53 -1.27 -11.52 12.72
CA ALA A 53 -1.62 -10.92 14.04
C ALA A 53 -2.06 -11.95 15.10
N THR A 54 -2.50 -13.13 14.67
CA THR A 54 -2.84 -14.26 15.55
C THR A 54 -1.71 -15.28 15.76
N GLY A 55 -0.50 -15.02 15.23
CA GLY A 55 0.59 -15.99 15.28
C GLY A 55 0.59 -17.06 14.23
N ASP A 56 -0.16 -16.83 13.16
CA ASP A 56 -0.36 -17.82 12.13
C ASP A 56 0.20 -17.22 10.82
N GLY A 57 -0.06 -17.91 9.71
CA GLY A 57 0.26 -17.43 8.39
C GLY A 57 1.47 -18.15 7.81
N PRO A 58 2.00 -17.68 6.66
CA PRO A 58 3.20 -18.29 6.10
C PRO A 58 4.48 -17.92 6.88
N ASP A 59 5.52 -18.72 6.68
CA ASP A 59 6.86 -18.35 7.17
C ASP A 59 7.44 -17.14 6.43
N ILE A 60 7.19 -17.08 5.12
CA ILE A 60 7.74 -16.04 4.25
C ILE A 60 6.60 -15.47 3.40
N ILE A 61 6.58 -14.15 3.29
CA ILE A 61 5.60 -13.43 2.46
C ILE A 61 6.36 -12.60 1.41
N PHE A 62 5.93 -12.72 0.15
CA PHE A 62 6.44 -11.93 -0.97
C PHE A 62 5.39 -10.90 -1.36
N TRP A 63 5.80 -9.64 -1.42
CA TRP A 63 4.97 -8.58 -1.97
C TRP A 63 5.93 -7.44 -2.36
N ALA A 64 5.43 -6.45 -3.14
CA ALA A 64 6.14 -5.21 -3.24
C ALA A 64 6.33 -4.57 -1.84
N HIS A 65 7.42 -3.82 -1.75
CA HIS A 65 7.88 -3.26 -0.48
C HIS A 65 6.92 -2.28 0.19
N ASP A 66 5.99 -1.69 -0.56
CA ASP A 66 5.08 -0.69 0.01
C ASP A 66 4.24 -1.17 1.20
N ARG A 67 3.88 -2.44 1.23
CA ARG A 67 3.02 -2.97 2.31
C ARG A 67 3.80 -3.31 3.55
N PHE A 68 5.13 -3.39 3.46
CA PHE A 68 5.91 -4.03 4.53
C PHE A 68 6.09 -3.11 5.73
N GLY A 69 6.09 -1.78 5.54
CA GLY A 69 6.18 -0.87 6.72
C GLY A 69 4.98 -1.00 7.64
N GLY A 70 3.79 -1.12 7.07
CA GLY A 70 2.59 -1.47 7.85
C GLY A 70 2.75 -2.77 8.63
N TYR A 71 3.22 -3.82 7.98
CA TYR A 71 3.40 -5.11 8.63
C TYR A 71 4.42 -4.99 9.78
N ALA A 72 5.52 -4.29 9.52
CA ALA A 72 6.60 -4.11 10.51
C ALA A 72 6.08 -3.30 11.68
N GLN A 73 5.35 -2.22 11.41
CA GLN A 73 4.78 -1.39 12.50
C GLN A 73 3.82 -2.18 13.40
N SER A 74 3.13 -3.15 12.80
CA SER A 74 2.24 -4.06 13.51
C SER A 74 2.94 -5.20 14.22
N GLY A 75 4.27 -5.28 14.16
CA GLY A 75 5.01 -6.36 14.81
C GLY A 75 5.01 -7.70 14.13
N LEU A 76 4.72 -7.73 12.81
CA LEU A 76 4.48 -8.96 12.09
C LEU A 76 5.68 -9.53 11.39
N LEU A 77 6.79 -8.77 11.33
CA LEU A 77 7.97 -9.16 10.57
C LEU A 77 9.20 -9.26 11.46
N ALA A 78 9.98 -10.31 11.21
CA ALA A 78 11.29 -10.51 11.87
C ALA A 78 12.30 -9.54 11.25
N GLU A 79 13.17 -8.98 12.10
CA GLU A 79 14.31 -8.19 11.60
C GLU A 79 15.27 -9.10 10.84
N ILE A 80 15.72 -8.62 9.69
CA ILE A 80 16.65 -9.23 8.73
C ILE A 80 18.03 -8.66 9.07
N THR A 81 19.02 -9.53 9.30
CA THR A 81 20.42 -9.09 9.59
C THR A 81 21.43 -9.88 8.75
N PRO A 82 21.41 -9.67 7.42
CA PRO A 82 22.42 -10.34 6.62
C PRO A 82 23.81 -9.75 6.88
N ASP A 83 24.84 -10.57 6.65
CA ASP A 83 26.21 -10.07 6.83
C ASP A 83 26.57 -9.10 5.71
N LYS A 84 27.71 -8.45 5.89
CA LYS A 84 28.20 -7.52 4.87
C LYS A 84 28.41 -8.19 3.51
N ALA A 85 28.96 -9.41 3.49
CA ALA A 85 29.24 -10.10 2.23
C ALA A 85 27.96 -10.27 1.43
N PHE A 86 26.88 -10.68 2.12
CA PHE A 86 25.55 -10.77 1.47
C PHE A 86 24.98 -9.45 1.08
N GLN A 87 24.98 -8.47 1.98
CA GLN A 87 24.40 -7.17 1.67
C GLN A 87 25.03 -6.51 0.44
N ASP A 88 26.34 -6.63 0.32
CA ASP A 88 27.06 -6.07 -0.81
C ASP A 88 26.76 -6.70 -2.17
N LYS A 89 26.12 -7.87 -2.19
CA LYS A 89 25.69 -8.49 -3.45
C LYS A 89 24.49 -7.83 -4.09
N LEU A 90 23.74 -7.03 -3.35
CA LEU A 90 22.53 -6.35 -3.84
C LEU A 90 22.70 -4.85 -3.87
N TYR A 91 21.96 -4.19 -4.76
CA TYR A 91 22.09 -2.74 -4.90
C TYR A 91 21.63 -2.02 -3.61
N PRO A 92 22.40 -1.02 -3.12
CA PRO A 92 21.97 -0.32 -1.91
C PRO A 92 20.57 0.27 -1.92
N PHE A 93 20.11 0.77 -3.08
CA PHE A 93 18.76 1.37 -3.12
C PHE A 93 17.66 0.31 -2.89
N THR A 94 17.96 -0.96 -3.22
CA THR A 94 16.98 -2.02 -2.96
C THR A 94 16.90 -2.29 -1.44
N TRP A 95 18.04 -2.27 -0.72
CA TRP A 95 18.00 -2.36 0.75
C TRP A 95 17.26 -1.17 1.40
N ASP A 96 17.43 0.02 0.84
CA ASP A 96 16.67 1.21 1.30
C ASP A 96 15.12 1.03 1.23
N ALA A 97 14.66 0.34 0.20
CA ALA A 97 13.20 0.08 0.03
C ALA A 97 12.59 -0.81 1.13
N VAL A 98 13.43 -1.61 1.79
CA VAL A 98 13.02 -2.58 2.81
C VAL A 98 13.54 -2.19 4.21
N ARG A 99 13.88 -0.91 4.38
CA ARG A 99 14.33 -0.42 5.68
C ARG A 99 13.16 0.36 6.30
N TYR A 100 12.85 0.06 7.56
CA TYR A 100 11.75 0.72 8.27
C TYR A 100 12.18 1.00 9.72
N ASN A 101 12.07 2.27 10.15
CA ASN A 101 12.58 2.71 11.47
C ASN A 101 14.03 2.25 11.73
N GLY A 102 14.86 2.41 10.69
CA GLY A 102 16.26 1.98 10.69
C GLY A 102 16.63 0.51 10.70
N LYS A 103 15.64 -0.40 10.54
CA LYS A 103 15.82 -1.83 10.57
C LYS A 103 15.43 -2.39 9.20
N LEU A 104 16.20 -3.36 8.74
CA LEU A 104 15.83 -4.13 7.54
C LEU A 104 14.73 -5.11 7.91
N ILE A 105 13.60 -5.02 7.17
N ILE A 105 13.60 -5.08 7.19
CA ILE A 105 12.38 -5.79 7.42
CA ILE A 105 12.47 -5.96 7.48
C ILE A 105 12.02 -6.82 6.33
C ILE A 105 12.02 -6.84 6.33
N ALA A 106 12.84 -6.93 5.28
CA ALA A 106 12.66 -7.90 4.18
C ALA A 106 13.92 -7.99 3.33
N TYR A 107 13.99 -9.03 2.50
CA TYR A 107 15.02 -9.21 1.49
C TYR A 107 14.47 -8.65 0.18
N PRO A 108 15.19 -7.72 -0.46
CA PRO A 108 14.74 -7.27 -1.79
C PRO A 108 15.09 -8.28 -2.87
N ILE A 109 14.21 -8.42 -3.86
CA ILE A 109 14.35 -9.40 -4.94
C ILE A 109 14.52 -8.74 -6.31
N ALA A 110 13.64 -7.79 -6.64
CA ALA A 110 13.60 -7.21 -8.00
C ALA A 110 12.83 -5.90 -8.05
N VAL A 111 13.18 -5.06 -9.03
CA VAL A 111 12.58 -3.75 -9.21
C VAL A 111 11.56 -3.87 -10.34
N GLU A 112 10.33 -3.42 -10.04
CA GLU A 112 9.18 -3.49 -10.92
C GLU A 112 8.70 -2.09 -11.25
N ALA A 113 8.48 -1.85 -12.54
CA ALA A 113 7.74 -0.69 -12.96
C ALA A 113 6.91 -1.07 -14.19
N LEU A 114 5.77 -0.42 -14.32
CA LEU A 114 4.94 -0.57 -15.51
C LEU A 114 5.57 0.08 -16.74
N SER A 115 5.30 -0.55 -17.90
CA SER A 115 5.65 0.03 -19.20
C SER A 115 4.45 -0.06 -20.11
N LEU A 116 4.55 0.66 -21.23
CA LEU A 116 3.60 0.52 -22.32
C LEU A 116 4.04 -0.69 -23.16
N ILE A 117 3.13 -1.63 -23.37
CA ILE A 117 3.41 -2.83 -24.16
C ILE A 117 2.53 -2.67 -25.42
N TYR A 118 3.11 -2.91 -26.60
CA TYR A 118 2.37 -2.65 -27.85
C TYR A 118 2.62 -3.71 -28.86
N ASN A 119 1.64 -3.90 -29.73
CA ASN A 119 1.68 -4.91 -30.79
C ASN A 119 2.19 -4.25 -32.06
N LYS A 120 3.40 -4.63 -32.47
CA LYS A 120 4.08 -4.03 -33.63
C LYS A 120 3.35 -4.28 -34.93
N ASP A 121 2.60 -5.38 -35.00
CA ASP A 121 1.75 -5.64 -36.20
C ASP A 121 0.48 -4.79 -36.34
N LEU A 122 0.02 -4.17 -35.26
CA LEU A 122 -1.06 -3.22 -35.30
C LEU A 122 -0.63 -1.77 -35.29
N LEU A 123 0.30 -1.40 -34.41
N LEU A 123 0.53 -1.55 -34.67
CA LEU A 123 0.82 -0.01 -34.28
CA LEU A 123 0.95 -0.29 -34.20
C LEU A 123 2.35 -0.05 -34.33
C LEU A 123 2.46 -0.33 -34.35
N PRO A 124 2.96 -0.01 -35.55
CA PRO A 124 4.42 -0.07 -35.69
C PRO A 124 5.21 0.88 -34.81
N ASN A 125 4.65 2.07 -34.59
CA ASN A 125 5.22 3.00 -33.65
C ASN A 125 4.21 3.29 -32.55
N PRO A 126 4.64 3.16 -31.28
CA PRO A 126 3.75 3.47 -30.19
C PRO A 126 3.49 5.00 -30.07
N PRO A 127 2.34 5.40 -29.52
CA PRO A 127 2.07 6.81 -29.27
C PRO A 127 2.97 7.35 -28.20
N LYS A 128 3.50 8.53 -28.45
CA LYS A 128 4.27 9.26 -27.45
C LYS A 128 3.41 9.95 -26.42
N THR A 129 2.14 10.27 -26.75
CA THR A 129 1.25 11.01 -25.88
C THR A 129 -0.04 10.23 -25.62
N TRP A 130 -0.59 10.41 -24.43
CA TRP A 130 -1.95 10.00 -24.10
C TRP A 130 -3.00 10.64 -25.03
N GLU A 131 -2.79 11.92 -25.35
CA GLU A 131 -3.74 12.75 -26.12
C GLU A 131 -4.01 12.25 -27.51
N GLU A 132 -3.07 11.53 -28.09
CA GLU A 132 -3.24 10.98 -29.41
C GLU A 132 -3.98 9.62 -29.43
N ILE A 133 -4.23 9.03 -28.25
CA ILE A 133 -4.84 7.71 -28.19
C ILE A 133 -6.29 7.65 -28.72
N PRO A 134 -7.16 8.63 -28.40
CA PRO A 134 -8.50 8.61 -29.01
C PRO A 134 -8.53 8.50 -30.55
N ALA A 135 -7.70 9.28 -31.22
CA ALA A 135 -7.61 9.23 -32.69
C ALA A 135 -7.06 7.89 -33.20
N LEU A 136 -6.04 7.33 -32.52
N LEU A 136 -6.05 7.35 -32.51
CA LEU A 136 -5.55 5.97 -32.82
CA LEU A 136 -5.55 6.03 -32.80
C LEU A 136 -6.64 4.92 -32.64
C LEU A 136 -6.60 4.93 -32.63
N ASP A 137 -7.42 5.04 -31.58
CA ASP A 137 -8.52 4.10 -31.36
C ASP A 137 -9.54 4.18 -32.52
N LYS A 138 -9.84 5.38 -32.96
CA LYS A 138 -10.78 5.57 -34.10
C LYS A 138 -10.26 4.87 -35.34
N GLU A 139 -8.96 5.04 -35.63
CA GLU A 139 -8.31 4.30 -36.72
C GLU A 139 -8.39 2.81 -36.54
N LEU A 140 -8.12 2.31 -35.33
CA LEU A 140 -8.11 0.90 -35.07
C LEU A 140 -9.51 0.24 -35.05
N LYS A 141 -10.51 0.99 -34.56
CA LYS A 141 -11.91 0.54 -34.56
C LYS A 141 -12.41 0.23 -35.98
N ALA A 142 -11.96 1.01 -36.95
CA ALA A 142 -12.22 0.71 -38.38
C ALA A 142 -11.58 -0.55 -38.93
N LYS A 143 -10.56 -1.07 -38.26
CA LYS A 143 -9.96 -2.40 -38.53
C LYS A 143 -10.47 -3.53 -37.70
N GLY A 144 -11.51 -3.27 -36.88
CA GLY A 144 -12.00 -4.26 -35.98
C GLY A 144 -11.13 -4.53 -34.76
N LYS A 145 -10.40 -3.48 -34.35
CA LYS A 145 -9.46 -3.57 -33.22
C LYS A 145 -9.74 -2.40 -32.26
N SER A 146 -8.90 -2.27 -31.25
CA SER A 146 -8.96 -1.12 -30.33
C SER A 146 -7.55 -0.75 -29.96
N ALA A 147 -7.36 0.47 -29.51
CA ALA A 147 -6.02 0.98 -29.18
C ALA A 147 -5.46 0.44 -27.86
N LEU A 148 -6.25 0.46 -26.79
CA LEU A 148 -5.67 0.23 -25.46
C LEU A 148 -6.63 -0.47 -24.53
N MET A 149 -6.12 -1.48 -23.84
CA MET A 149 -6.83 -2.12 -22.73
C MET A 149 -5.85 -2.43 -21.62
N PHE A 150 -6.22 -2.01 -20.41
CA PHE A 150 -5.44 -2.31 -19.20
C PHE A 150 -6.35 -2.41 -17.98
N ASN A 151 -5.77 -2.90 -16.89
CA ASN A 151 -6.55 -3.15 -15.67
C ASN A 151 -7.02 -1.84 -15.06
N LEU A 152 -8.33 -1.61 -15.06
CA LEU A 152 -8.91 -0.41 -14.46
C LEU A 152 -9.42 -0.66 -13.03
N GLN A 153 -9.21 -1.86 -12.51
CA GLN A 153 -9.70 -2.22 -11.16
C GLN A 153 -8.68 -1.99 -10.07
N GLU A 154 -7.43 -1.80 -10.43
CA GLU A 154 -6.34 -1.59 -9.48
C GLU A 154 -5.66 -0.29 -9.76
N PRO A 155 -5.58 0.60 -8.75
CA PRO A 155 -5.06 1.94 -9.03
C PRO A 155 -3.59 2.02 -9.41
N TYR A 156 -2.81 0.95 -9.14
CA TYR A 156 -1.43 0.84 -9.59
C TYR A 156 -1.27 1.17 -11.08
N PHE A 157 -2.24 0.75 -11.87
CA PHE A 157 -2.20 0.91 -13.34
C PHE A 157 -2.63 2.29 -13.84
N THR A 158 -3.53 2.95 -13.12
N THR A 158 -3.55 2.94 -13.13
CA THR A 158 -4.04 4.26 -13.50
CA THR A 158 -4.04 4.28 -13.49
C THR A 158 -3.24 5.40 -12.85
C THR A 158 -3.23 5.40 -12.86
N TRP A 159 -2.60 5.12 -11.70
CA TRP A 159 -1.70 6.08 -11.05
C TRP A 159 -0.68 6.82 -11.93
N PRO A 160 0.01 6.13 -12.87
CA PRO A 160 0.99 6.85 -13.71
C PRO A 160 0.41 8.06 -14.43
N LEU A 161 -0.84 7.94 -14.89
CA LEU A 161 -1.55 9.05 -15.55
C LEU A 161 -2.00 10.12 -14.56
N ILE A 162 -2.51 9.67 -13.41
CA ILE A 162 -2.96 10.59 -12.36
C ILE A 162 -1.77 11.43 -11.86
N ALA A 163 -0.61 10.81 -11.73
CA ALA A 163 0.58 11.51 -11.22
C ALA A 163 1.20 12.49 -12.22
N ALA A 164 0.97 12.27 -13.53
CA ALA A 164 1.74 12.93 -14.58
C ALA A 164 1.73 14.45 -14.50
N ASP A 165 0.54 15.04 -14.42
CA ASP A 165 0.31 16.49 -14.34
C ASP A 165 0.28 17.05 -12.91
N GLY A 166 0.66 16.25 -11.91
CA GLY A 166 0.97 16.73 -10.57
C GLY A 166 0.29 16.04 -9.40
N GLY A 167 -0.51 14.99 -9.61
CA GLY A 167 -0.99 14.19 -8.49
C GLY A 167 0.16 13.53 -7.76
N TYR A 168 0.02 13.39 -6.44
CA TYR A 168 1.00 12.70 -5.64
C TYR A 168 0.33 12.09 -4.42
N ALA A 169 0.98 11.07 -3.89
CA ALA A 169 0.49 10.41 -2.67
C ALA A 169 0.90 11.24 -1.44
N PHE A 170 2.16 11.18 -1.07
CA PHE A 170 2.69 11.89 0.09
C PHE A 170 3.84 12.68 -0.46
N LYS A 171 3.86 14.00 -0.22
CA LYS A 171 4.89 14.91 -0.76
C LYS A 171 6.27 14.53 -0.21
N TYR A 172 7.29 14.51 -1.07
CA TYR A 172 8.68 14.20 -0.65
C TYR A 172 9.56 15.44 -0.70
N LYS A 176 12.75 13.99 2.58
CA LYS A 176 11.79 13.57 3.60
C LYS A 176 10.33 13.59 3.10
N TYR A 177 9.50 12.63 3.54
CA TYR A 177 8.05 12.66 3.28
C TYR A 177 7.38 13.59 4.26
N ASP A 178 6.47 14.43 3.76
CA ASP A 178 5.53 15.16 4.59
C ASP A 178 4.24 14.34 4.49
N ILE A 179 3.99 13.48 5.48
CA ILE A 179 2.79 12.59 5.53
C ILE A 179 1.48 13.39 5.57
N LYS A 180 1.53 14.60 6.12
CA LYS A 180 0.37 15.50 6.17
C LYS A 180 0.03 16.16 4.83
N ASP A 181 0.96 16.13 3.86
CA ASP A 181 0.80 16.71 2.53
C ASP A 181 0.45 15.60 1.46
N VAL A 182 -0.86 15.47 1.21
CA VAL A 182 -1.41 14.48 0.29
C VAL A 182 -1.88 15.21 -0.99
N GLY A 183 -1.60 14.63 -2.15
CA GLY A 183 -1.80 15.32 -3.48
C GLY A 183 -2.78 14.58 -4.41
N VAL A 184 -3.85 14.05 -3.81
CA VAL A 184 -4.79 13.17 -4.49
C VAL A 184 -5.89 13.99 -5.15
N ASP A 185 -6.30 15.13 -4.56
CA ASP A 185 -7.40 15.95 -5.11
C ASP A 185 -7.03 17.30 -5.70
N ASN A 186 -5.78 17.43 -6.14
CA ASN A 186 -5.29 18.65 -6.76
C ASN A 186 -5.61 18.72 -8.26
N ALA A 187 -5.27 19.84 -8.90
CA ALA A 187 -5.60 20.06 -10.32
C ALA A 187 -4.98 19.00 -11.26
N GLY A 188 -3.79 18.54 -10.93
CA GLY A 188 -3.05 17.59 -11.75
C GLY A 188 -3.71 16.22 -11.70
N ALA A 189 -4.03 15.78 -10.49
CA ALA A 189 -4.76 14.51 -10.27
C ALA A 189 -6.13 14.51 -10.96
N LYS A 190 -6.85 15.60 -10.85
CA LYS A 190 -8.13 15.77 -11.54
C LYS A 190 -8.00 15.71 -13.06
N ALA A 191 -6.96 16.35 -13.62
CA ALA A 191 -6.74 16.38 -15.08
C ALA A 191 -6.50 14.96 -15.59
N GLY A 192 -5.67 14.22 -14.87
CA GLY A 192 -5.34 12.82 -15.27
C GLY A 192 -6.57 11.91 -15.19
N LEU A 193 -7.28 11.95 -14.07
CA LEU A 193 -8.42 11.09 -13.92
C LEU A 193 -9.55 11.50 -14.88
N THR A 194 -9.73 12.80 -15.12
CA THR A 194 -10.71 13.26 -16.11
C THR A 194 -10.38 12.71 -17.50
N PHE A 195 -9.09 12.70 -17.84
CA PHE A 195 -8.68 12.11 -19.13
C PHE A 195 -9.08 10.63 -19.21
N LEU A 196 -8.81 9.87 -18.15
CA LEU A 196 -9.21 8.45 -18.11
C LEU A 196 -10.73 8.28 -18.25
N VAL A 197 -11.47 9.04 -17.47
CA VAL A 197 -12.95 8.96 -17.51
C VAL A 197 -13.49 9.36 -18.90
N ASP A 198 -12.89 10.37 -19.54
CA ASP A 198 -13.26 10.77 -20.90
C ASP A 198 -12.97 9.65 -21.92
N LEU A 199 -11.87 8.90 -21.73
CA LEU A 199 -11.64 7.70 -22.59
C LEU A 199 -12.79 6.70 -22.50
N ILE A 200 -13.31 6.52 -21.29
CA ILE A 200 -14.41 5.60 -21.02
C ILE A 200 -15.71 6.15 -21.61
N LYS A 201 -15.99 7.42 -21.34
CA LYS A 201 -17.19 8.11 -21.88
C LYS A 201 -17.28 8.04 -23.38
N ASN A 202 -16.14 8.26 -24.03
CA ASN A 202 -16.01 8.21 -25.50
C ASN A 202 -15.80 6.79 -26.10
N LYS A 203 -15.97 5.76 -25.28
CA LYS A 203 -15.96 4.35 -25.66
C LYS A 203 -14.63 3.86 -26.23
N HIS A 204 -13.55 4.52 -25.79
CA HIS A 204 -12.19 4.04 -26.08
C HIS A 204 -11.73 2.95 -25.08
N MET A 205 -12.30 2.97 -23.86
CA MET A 205 -12.09 1.93 -22.86
C MET A 205 -13.39 1.63 -22.15
N ASN A 206 -13.44 0.51 -21.47
CA ASN A 206 -14.61 0.01 -20.73
C ASN A 206 -14.23 -0.03 -19.24
N ALA A 207 -15.03 0.63 -18.40
CA ALA A 207 -14.80 0.65 -16.94
C ALA A 207 -14.71 -0.71 -16.27
N ASP A 208 -15.32 -1.77 -16.86
CA ASP A 208 -15.23 -3.13 -16.33
C ASP A 208 -13.95 -3.89 -16.64
N THR A 209 -13.06 -3.34 -17.48
CA THR A 209 -11.85 -4.08 -17.85
C THR A 209 -10.96 -4.30 -16.62
N ASP A 210 -10.53 -5.54 -16.45
CA ASP A 210 -9.69 -5.98 -15.33
C ASP A 210 -8.41 -6.62 -15.86
N TYR A 211 -7.61 -7.20 -14.97
CA TYR A 211 -6.32 -7.74 -15.38
C TYR A 211 -6.47 -8.86 -16.45
N SER A 212 -7.34 -9.82 -16.16
N SER A 212 -7.34 -9.82 -16.15
CA SER A 212 -7.52 -10.97 -17.05
CA SER A 212 -7.58 -10.97 -17.03
C SER A 212 -8.10 -10.58 -18.41
C SER A 212 -8.09 -10.56 -18.40
N ILE A 213 -9.06 -9.66 -18.42
CA ILE A 213 -9.69 -9.21 -19.68
C ILE A 213 -8.67 -8.47 -20.58
N ALA A 214 -7.89 -7.56 -19.99
CA ALA A 214 -6.88 -6.84 -20.78
C ALA A 214 -5.76 -7.75 -21.30
N GLU A 215 -5.34 -8.70 -20.47
CA GLU A 215 -4.28 -9.64 -20.82
C GLU A 215 -4.74 -10.51 -22.00
N ALA A 216 -5.95 -11.02 -21.91
CA ALA A 216 -6.50 -11.90 -22.95
C ALA A 216 -6.66 -11.14 -24.28
N ALA A 217 -7.16 -9.91 -24.22
CA ALA A 217 -7.37 -9.08 -25.42
C ALA A 217 -6.03 -8.77 -26.07
N PHE A 218 -5.01 -8.43 -25.27
CA PHE A 218 -3.70 -8.11 -25.86
C PHE A 218 -3.04 -9.37 -26.47
N ASN A 219 -3.05 -10.46 -25.72
CA ASN A 219 -2.35 -11.67 -26.15
C ASN A 219 -3.06 -12.37 -27.32
N LYS A 220 -4.35 -12.06 -27.53
CA LYS A 220 -5.08 -12.55 -28.73
C LYS A 220 -5.01 -11.62 -29.94
N GLY A 221 -4.30 -10.49 -29.83
CA GLY A 221 -4.16 -9.54 -30.93
C GLY A 221 -5.35 -8.68 -31.17
N GLU A 222 -6.24 -8.54 -30.20
CA GLU A 222 -7.46 -7.75 -30.33
C GLU A 222 -7.28 -6.27 -29.99
N THR A 223 -6.32 -5.94 -29.13
CA THR A 223 -6.04 -4.54 -28.78
C THR A 223 -4.57 -4.25 -29.02
N ALA A 224 -4.25 -3.05 -29.46
CA ALA A 224 -2.89 -2.70 -29.89
C ALA A 224 -1.93 -2.49 -28.74
N MET A 225 -2.45 -2.16 -27.55
CA MET A 225 -1.60 -1.76 -26.43
C MET A 225 -2.20 -2.20 -25.11
N THR A 226 -1.30 -2.41 -24.15
CA THR A 226 -1.64 -2.62 -22.75
C THR A 226 -0.58 -1.98 -21.87
N ILE A 227 -0.87 -1.94 -20.56
CA ILE A 227 0.04 -1.37 -19.56
C ILE A 227 0.26 -2.50 -18.56
N ASN A 228 1.50 -2.91 -18.38
CA ASN A 228 1.77 -4.03 -17.49
C ASN A 228 3.24 -4.07 -17.14
N GLY A 229 3.55 -4.97 -16.21
CA GLY A 229 4.89 -5.18 -15.71
C GLY A 229 5.60 -6.37 -16.28
N PRO A 230 6.87 -6.59 -15.85
CA PRO A 230 7.70 -7.67 -16.42
C PRO A 230 7.12 -9.05 -16.32
N TRP A 231 6.38 -9.31 -15.23
CA TRP A 231 5.72 -10.60 -15.00
C TRP A 231 4.79 -11.05 -16.13
N ALA A 232 4.25 -10.07 -16.88
CA ALA A 232 3.35 -10.36 -17.97
C ALA A 232 4.04 -10.81 -19.24
N TRP A 233 5.37 -10.69 -19.35
CA TRP A 233 6.03 -10.91 -20.65
C TRP A 233 6.00 -12.36 -21.09
N SER A 234 6.04 -13.31 -20.12
CA SER A 234 5.95 -14.77 -20.40
C SER A 234 4.74 -15.14 -21.22
N ASN A 235 3.60 -14.65 -20.78
CA ASN A 235 2.35 -15.01 -21.43
C ASN A 235 2.26 -14.36 -22.81
N ILE A 236 2.86 -13.21 -22.95
CA ILE A 236 2.93 -12.57 -24.30
C ILE A 236 3.87 -13.38 -25.21
N ASP A 237 5.00 -13.85 -24.68
CA ASP A 237 5.93 -14.71 -25.47
C ASP A 237 5.23 -15.95 -26.00
N THR A 238 4.51 -16.64 -25.13
CA THR A 238 3.70 -17.82 -25.47
C THR A 238 2.68 -17.52 -26.61
N SER A 239 2.06 -16.36 -26.54
CA SER A 239 1.08 -15.93 -27.55
C SER A 239 1.62 -15.65 -28.95
N LYS A 240 2.93 -15.43 -29.08
N LYS A 240 2.93 -15.42 -29.08
CA LYS A 240 3.60 -15.08 -30.33
CA LYS A 240 3.61 -15.09 -30.33
C LYS A 240 3.08 -13.77 -30.98
C LYS A 240 3.32 -13.69 -30.90
N VAL A 241 2.61 -12.83 -30.14
CA VAL A 241 2.37 -11.46 -30.57
C VAL A 241 3.73 -10.79 -30.74
N ASN A 242 3.86 -10.03 -31.81
CA ASN A 242 5.07 -9.28 -32.09
C ASN A 242 5.05 -8.00 -31.25
N TYR A 243 5.54 -8.08 -30.01
CA TYR A 243 5.42 -6.96 -29.06
C TYR A 243 6.68 -6.16 -28.82
N GLY A 244 6.46 -4.92 -28.40
CA GLY A 244 7.50 -4.03 -27.94
C GLY A 244 7.14 -3.56 -26.53
N VAL A 245 8.16 -3.19 -25.77
CA VAL A 245 8.00 -2.61 -24.43
C VAL A 245 8.67 -1.27 -24.48
N THR A 246 7.93 -0.22 -24.11
CA THR A 246 8.41 1.10 -24.24
C THR A 246 7.98 2.08 -23.14
N VAL A 247 8.49 3.29 -23.23
CA VAL A 247 8.12 4.38 -22.34
C VAL A 247 6.61 4.64 -22.37
N LEU A 248 6.02 4.85 -21.20
CA LEU A 248 4.61 5.21 -21.12
C LEU A 248 4.37 6.55 -21.84
N PRO A 249 3.16 6.74 -22.38
CA PRO A 249 2.89 8.04 -23.03
C PRO A 249 2.94 9.22 -22.04
N THR A 250 3.23 10.40 -22.57
CA THR A 250 3.18 11.63 -21.76
C THR A 250 1.75 12.12 -21.65
N PHE A 251 1.48 12.95 -20.64
CA PHE A 251 0.18 13.62 -20.48
C PHE A 251 0.46 15.09 -20.23
N LYS A 252 -0.15 15.97 -21.01
CA LYS A 252 0.14 17.41 -20.93
C LYS A 252 1.65 17.71 -21.02
N GLY A 253 2.33 16.96 -21.89
CA GLY A 253 3.76 17.07 -22.11
C GLY A 253 4.68 16.50 -21.04
N GLN A 254 4.13 15.87 -20.01
CA GLN A 254 4.87 15.44 -18.84
C GLN A 254 4.88 13.89 -18.80
N PRO A 255 5.97 13.28 -18.33
CA PRO A 255 6.00 11.81 -18.29
C PRO A 255 4.92 11.23 -17.38
N SER A 256 4.41 10.06 -17.75
CA SER A 256 3.64 9.24 -16.81
C SER A 256 4.65 8.76 -15.76
N LYS A 257 4.21 8.75 -14.50
CA LYS A 257 5.08 8.50 -13.36
C LYS A 257 4.63 7.25 -12.62
N PRO A 258 5.12 6.08 -13.06
CA PRO A 258 4.71 4.86 -12.33
C PRO A 258 5.24 4.83 -10.89
N PHE A 259 4.49 4.19 -10.01
CA PHE A 259 4.94 3.98 -8.63
C PHE A 259 5.75 2.72 -8.73
N VAL A 260 7.05 2.80 -8.37
CA VAL A 260 8.04 1.74 -8.56
C VAL A 260 8.02 0.84 -7.33
N GLY A 261 8.01 -0.47 -7.57
CA GLY A 261 7.93 -1.46 -6.47
C GLY A 261 9.16 -2.31 -6.45
N VAL A 262 9.59 -2.73 -5.27
CA VAL A 262 10.66 -3.65 -5.07
C VAL A 262 10.01 -4.91 -4.51
N LEU A 263 9.94 -5.95 -5.32
CA LEU A 263 9.41 -7.23 -4.88
C LEU A 263 10.37 -7.65 -3.76
N SER A 264 9.79 -8.00 -2.61
CA SER A 264 10.53 -8.23 -1.37
C SER A 264 10.00 -9.44 -0.65
N ALA A 265 10.85 -10.06 0.18
CA ALA A 265 10.50 -11.28 0.92
C ALA A 265 10.70 -11.04 2.41
N GLY A 266 9.61 -11.05 3.16
CA GLY A 266 9.65 -10.85 4.62
C GLY A 266 9.44 -12.14 5.35
N ILE A 267 9.96 -12.20 6.56
CA ILE A 267 9.86 -13.40 7.41
C ILE A 267 8.88 -13.06 8.57
N ASN A 268 7.87 -13.90 8.74
CA ASN A 268 6.83 -13.75 9.75
C ASN A 268 7.48 -13.76 11.15
N ALA A 269 7.22 -12.72 11.93
CA ALA A 269 7.67 -12.61 13.34
C ALA A 269 7.30 -13.82 14.18
N ALA A 270 6.14 -14.43 13.89
CA ALA A 270 5.69 -15.65 14.59
C ALA A 270 6.25 -17.00 14.05
N SER A 271 7.13 -16.98 13.02
CA SER A 271 7.67 -18.21 12.48
C SER A 271 8.68 -18.83 13.46
N PRO A 272 8.55 -20.16 13.70
CA PRO A 272 9.63 -20.90 14.41
C PRO A 272 10.74 -21.40 13.48
N ASN A 273 10.73 -20.94 12.22
CA ASN A 273 11.61 -21.45 11.18
C ASN A 273 12.47 -20.29 10.62
N LYS A 274 12.81 -19.31 11.44
CA LYS A 274 13.51 -18.09 10.96
C LYS A 274 14.86 -18.42 10.36
N GLU A 275 15.61 -19.34 10.97
CA GLU A 275 16.90 -19.74 10.39
C GLU A 275 16.76 -20.45 9.06
N LEU A 276 15.79 -21.34 8.91
CA LEU A 276 15.52 -22.04 7.64
C LEU A 276 15.13 -21.01 6.57
N ALA A 277 14.31 -20.05 6.96
CA ALA A 277 13.84 -18.96 6.04
C ALA A 277 15.02 -18.11 5.52
N LYS A 278 15.91 -17.69 6.42
N LYS A 278 15.87 -17.69 6.45
CA LYS A 278 17.11 -16.91 6.03
CA LYS A 278 17.09 -16.96 6.16
C LYS A 278 18.01 -17.72 5.10
C LYS A 278 18.01 -17.70 5.16
N GLU A 279 18.24 -18.98 5.44
CA GLU A 279 19.04 -19.87 4.60
C GLU A 279 18.43 -20.02 3.20
N PHE A 280 17.14 -20.28 3.13
CA PHE A 280 16.42 -20.36 1.86
C PHE A 280 16.60 -19.06 1.04
N LEU A 281 16.30 -17.93 1.65
CA LEU A 281 16.30 -16.65 0.94
C LEU A 281 17.72 -16.23 0.50
N GLU A 282 18.70 -16.35 1.39
CA GLU A 282 20.09 -15.89 1.08
C GLU A 282 20.85 -16.89 0.18
N ASN A 283 20.75 -18.18 0.44
CA ASN A 283 21.61 -19.21 -0.21
C ASN A 283 20.97 -20.07 -1.27
N TYR A 284 19.66 -19.91 -1.49
CA TYR A 284 18.94 -20.58 -2.56
C TYR A 284 18.30 -19.59 -3.50
N LEU A 285 17.46 -18.71 -2.98
CA LEU A 285 16.69 -17.81 -3.85
C LEU A 285 17.56 -16.74 -4.43
N LEU A 286 18.23 -15.98 -3.56
CA LEU A 286 19.03 -14.81 -3.97
C LEU A 286 20.44 -15.22 -4.45
N THR A 287 20.43 -16.06 -5.47
CA THR A 287 21.59 -16.58 -6.18
C THR A 287 21.27 -16.49 -7.67
N ASP A 288 22.30 -16.48 -8.52
CA ASP A 288 22.05 -16.48 -9.97
C ASP A 288 21.05 -17.55 -10.40
N GLU A 289 21.25 -18.77 -9.90
CA GLU A 289 20.44 -19.92 -10.27
C GLU A 289 19.00 -19.91 -9.72
N GLY A 290 18.86 -19.42 -8.49
CA GLY A 290 17.55 -19.26 -7.87
C GLY A 290 16.68 -18.25 -8.60
N LEU A 291 17.25 -17.07 -8.82
CA LEU A 291 16.54 -16.00 -9.55
C LEU A 291 16.26 -16.39 -10.99
N GLU A 292 17.20 -17.09 -11.61
CA GLU A 292 16.96 -17.64 -12.96
C GLU A 292 15.72 -18.54 -13.03
N ALA A 293 15.59 -19.48 -12.08
CA ALA A 293 14.42 -20.38 -12.03
C ALA A 293 13.10 -19.60 -11.93
N VAL A 294 13.08 -18.56 -11.11
CA VAL A 294 11.87 -17.75 -10.95
C VAL A 294 11.65 -16.89 -12.23
N ASN A 295 12.69 -16.18 -12.66
CA ASN A 295 12.64 -15.33 -13.86
C ASN A 295 12.19 -16.07 -15.16
N LYS A 296 12.60 -17.34 -15.30
CA LYS A 296 12.18 -18.20 -16.43
C LYS A 296 10.70 -18.53 -16.42
N ASP A 297 10.11 -18.60 -15.23
CA ASP A 297 8.69 -18.80 -15.07
C ASP A 297 7.94 -17.51 -15.44
N LYS A 298 8.12 -16.45 -14.65
CA LYS A 298 7.60 -15.09 -14.95
C LYS A 298 8.71 -14.08 -14.69
N PRO A 299 9.02 -13.20 -15.66
CA PRO A 299 10.14 -12.28 -15.45
C PRO A 299 10.00 -11.37 -14.22
N LEU A 300 11.12 -11.17 -13.51
CA LEU A 300 11.16 -10.39 -12.27
C LEU A 300 11.27 -8.84 -12.43
N GLY A 301 11.84 -8.41 -13.55
CA GLY A 301 12.25 -7.02 -13.75
C GLY A 301 13.75 -6.89 -13.61
N ALA A 302 14.18 -5.81 -12.98
CA ALA A 302 15.60 -5.59 -12.80
C ALA A 302 15.91 -6.19 -11.44
N VAL A 303 16.59 -7.33 -11.42
CA VAL A 303 16.84 -8.03 -10.15
C VAL A 303 17.81 -7.25 -9.25
N ALA A 304 17.68 -7.48 -7.95
CA ALA A 304 18.40 -6.74 -6.95
C ALA A 304 19.85 -7.20 -6.87
N LEU A 305 20.12 -8.41 -7.35
CA LEU A 305 21.39 -9.08 -7.27
C LEU A 305 22.25 -8.58 -8.40
N LYS A 306 23.30 -7.82 -8.04
CA LYS A 306 24.27 -7.21 -8.99
C LYS A 306 24.76 -8.17 -10.09
N SER A 307 25.09 -9.42 -9.75
CA SER A 307 25.63 -10.38 -10.73
C SER A 307 24.62 -10.80 -11.79
N TYR A 308 23.40 -11.15 -11.38
CA TYR A 308 22.32 -11.58 -12.30
C TYR A 308 21.69 -10.41 -13.06
N GLU A 309 21.59 -9.24 -12.43
CA GLU A 309 21.13 -8.03 -13.09
C GLU A 309 22.06 -7.57 -14.24
N GLU A 310 23.38 -7.70 -14.06
CA GLU A 310 24.35 -7.44 -15.17
C GLU A 310 24.09 -8.23 -16.48
N GLU A 311 23.71 -9.50 -16.34
CA GLU A 311 23.41 -10.39 -17.47
C GLU A 311 22.12 -9.98 -18.20
N LEU A 312 21.06 -9.75 -17.41
CA LEU A 312 19.75 -9.29 -17.94
C LEU A 312 19.67 -7.82 -18.42
N ALA A 313 20.64 -6.98 -18.09
CA ALA A 313 20.56 -5.53 -18.38
C ALA A 313 20.57 -5.11 -19.86
N LYS A 314 21.11 -5.96 -20.75
CA LYS A 314 21.09 -5.76 -22.22
C LYS A 314 19.73 -6.02 -22.92
N ASP A 315 18.74 -6.49 -22.16
CA ASP A 315 17.40 -6.77 -22.66
C ASP A 315 16.67 -5.42 -22.86
N PRO A 316 16.26 -5.08 -24.10
CA PRO A 316 15.56 -3.79 -24.28
C PRO A 316 14.24 -3.60 -23.48
N ARG A 317 13.60 -4.71 -23.11
CA ARG A 317 12.38 -4.70 -22.27
C ARG A 317 12.71 -4.24 -20.84
N ILE A 318 13.84 -4.73 -20.30
N ILE A 318 13.84 -4.72 -20.30
CA ILE A 318 14.38 -4.24 -19.02
CA ILE A 318 14.32 -4.26 -19.00
C ILE A 318 14.82 -2.80 -19.07
C ILE A 318 14.86 -2.82 -19.06
N ALA A 319 15.53 -2.43 -20.15
CA ALA A 319 15.89 -1.00 -20.37
C ALA A 319 14.67 -0.10 -20.34
N ALA A 320 13.59 -0.50 -21.04
CA ALA A 320 12.31 0.23 -20.96
C ALA A 320 11.69 0.32 -19.56
N THR A 321 11.75 -0.81 -18.85
CA THR A 321 11.26 -0.88 -17.46
C THR A 321 11.98 0.17 -16.60
N MET A 322 13.32 0.20 -16.73
CA MET A 322 14.14 1.17 -15.97
C MET A 322 14.01 2.62 -16.39
N GLU A 323 13.75 2.87 -17.68
CA GLU A 323 13.39 4.21 -18.13
C GLU A 323 12.09 4.71 -17.48
N ASN A 324 11.05 3.87 -17.49
CA ASN A 324 9.81 4.19 -16.82
C ASN A 324 10.01 4.35 -15.29
N ALA A 325 10.79 3.44 -14.70
CA ALA A 325 11.12 3.54 -13.27
C ALA A 325 11.79 4.89 -12.93
N GLN A 326 12.77 5.30 -13.73
CA GLN A 326 13.48 6.59 -13.52
C GLN A 326 12.57 7.80 -13.60
N LYS A 327 11.51 7.72 -14.43
CA LYS A 327 10.50 8.77 -14.53
C LYS A 327 9.46 8.74 -13.43
N GLY A 328 9.35 7.61 -12.73
CA GLY A 328 8.40 7.43 -11.67
C GLY A 328 9.00 7.74 -10.32
N GLU A 329 8.44 7.13 -9.29
CA GLU A 329 8.94 7.30 -7.92
C GLU A 329 8.86 5.96 -7.17
N ILE A 330 9.88 5.65 -6.38
CA ILE A 330 9.84 4.52 -5.45
C ILE A 330 8.69 4.70 -4.48
N MET A 331 7.87 3.66 -4.30
CA MET A 331 6.77 3.77 -3.35
C MET A 331 7.30 4.01 -1.92
N PRO A 332 6.60 4.86 -1.17
CA PRO A 332 6.81 4.85 0.27
C PRO A 332 6.48 3.48 0.88
N ASN A 333 7.07 3.16 2.04
CA ASN A 333 6.65 1.97 2.81
C ASN A 333 5.92 2.32 4.09
N ILE A 334 5.49 3.57 4.25
CA ILE A 334 4.83 4.02 5.48
C ILE A 334 3.53 3.26 5.71
N PRO A 335 3.10 3.07 6.96
CA PRO A 335 1.88 2.32 7.23
C PRO A 335 0.58 2.83 6.60
N GLN A 336 0.52 4.12 6.32
N GLN A 336 0.48 4.12 6.29
CA GLN A 336 -0.58 4.75 5.64
CA GLN A 336 -0.70 4.68 5.60
C GLN A 336 -0.80 4.25 4.19
C GLN A 336 -0.66 4.50 4.07
N MET A 337 0.21 3.62 3.57
CA MET A 337 0.11 3.20 2.12
C MET A 337 -1.11 2.36 1.83
N SER A 338 -1.47 1.43 2.72
CA SER A 338 -2.66 0.61 2.57
C SER A 338 -3.94 1.45 2.44
N ALA A 339 -4.09 2.42 3.33
CA ALA A 339 -5.23 3.38 3.26
C ALA A 339 -5.25 4.23 1.99
N PHE A 340 -4.09 4.73 1.59
CA PHE A 340 -3.93 5.51 0.35
C PHE A 340 -4.43 4.66 -0.83
N TRP A 341 -3.94 3.41 -0.91
CA TRP A 341 -4.37 2.55 -2.02
C TRP A 341 -5.86 2.23 -2.01
N TYR A 342 -6.43 1.98 -0.83
CA TYR A 342 -7.88 1.72 -0.72
C TYR A 342 -8.71 2.93 -1.19
N ALA A 343 -8.32 4.10 -0.76
CA ALA A 343 -8.98 5.35 -1.06
C ALA A 343 -8.93 5.56 -2.58
N VAL A 344 -7.73 5.45 -3.18
CA VAL A 344 -7.57 5.73 -4.62
C VAL A 344 -8.23 4.63 -5.47
N ARG A 345 -8.14 3.37 -5.05
CA ARG A 345 -8.88 2.27 -5.72
C ARG A 345 -10.36 2.59 -5.86
N THR A 346 -10.98 3.01 -4.75
CA THR A 346 -12.39 3.36 -4.75
C THR A 346 -12.69 4.58 -5.63
N ALA A 347 -11.84 5.60 -5.57
CA ALA A 347 -12.01 6.81 -6.38
C ALA A 347 -11.99 6.47 -7.87
N VAL A 348 -11.00 5.68 -8.29
CA VAL A 348 -10.88 5.38 -9.74
C VAL A 348 -12.10 4.57 -10.20
N ILE A 349 -12.46 3.55 -9.45
CA ILE A 349 -13.63 2.69 -9.78
C ILE A 349 -14.92 3.51 -9.85
N ASN A 350 -15.15 4.34 -8.84
CA ASN A 350 -16.36 5.15 -8.86
C ASN A 350 -16.39 6.21 -9.96
N ALA A 351 -15.25 6.86 -10.28
CA ALA A 351 -15.21 7.85 -11.33
C ALA A 351 -15.42 7.17 -12.70
N ALA A 352 -14.80 6.02 -12.85
CA ALA A 352 -14.90 5.26 -14.11
C ALA A 352 -16.30 4.74 -14.39
N SER A 353 -17.01 4.30 -13.34
CA SER A 353 -18.36 3.76 -13.45
C SER A 353 -19.46 4.81 -13.53
N GLY A 354 -19.13 6.07 -13.21
CA GLY A 354 -20.12 7.13 -13.10
C GLY A 354 -20.84 7.23 -11.77
N ARG A 355 -20.52 6.36 -10.79
CA ARG A 355 -21.05 6.45 -9.42
C ARG A 355 -20.77 7.81 -8.76
N GLN A 356 -19.58 8.37 -9.03
CA GLN A 356 -19.18 9.72 -8.57
C GLN A 356 -18.58 10.46 -9.72
N THR A 357 -18.62 11.79 -9.64
CA THR A 357 -17.87 12.63 -10.54
C THR A 357 -16.38 12.54 -10.13
N VAL A 358 -15.51 13.02 -10.99
CA VAL A 358 -14.07 13.06 -10.70
C VAL A 358 -13.77 13.90 -9.44
N ASP A 359 -14.40 15.07 -9.35
CA ASP A 359 -14.27 15.94 -8.18
C ASP A 359 -14.71 15.27 -6.90
N GLU A 360 -15.88 14.61 -6.93
CA GLU A 360 -16.41 13.90 -5.77
C GLU A 360 -15.51 12.75 -5.36
N ALA A 361 -15.09 11.97 -6.37
CA ALA A 361 -14.27 10.82 -6.12
C ALA A 361 -12.91 11.15 -5.50
N LEU A 362 -12.21 12.14 -6.04
CA LEU A 362 -10.92 12.53 -5.53
C LEU A 362 -11.04 13.26 -4.17
N LYS A 363 -12.12 14.02 -3.95
CA LYS A 363 -12.38 14.61 -2.62
C LYS A 363 -12.43 13.53 -1.56
N ASP A 364 -13.22 12.46 -1.78
CA ASP A 364 -13.28 11.33 -0.85
C ASP A 364 -11.95 10.63 -0.68
N ALA A 365 -11.19 10.49 -1.76
CA ALA A 365 -9.88 9.86 -1.67
C ALA A 365 -8.91 10.67 -0.85
N GLN A 366 -8.97 12.01 -0.98
CA GLN A 366 -8.12 12.90 -0.19
C GLN A 366 -8.46 12.74 1.28
N THR A 367 -9.75 12.77 1.60
CA THR A 367 -10.20 12.58 3.00
C THR A 367 -9.73 11.25 3.61
N GLY A 368 -9.89 10.15 2.86
CA GLY A 368 -9.46 8.81 3.24
C GLY A 368 -7.95 8.69 3.45
N SER A 369 -7.17 9.29 2.57
CA SER A 369 -5.72 9.27 2.67
C SER A 369 -5.21 10.08 3.86
N GLU A 370 -5.87 11.22 4.15
CA GLU A 370 -5.49 12.15 5.26
C GLU A 370 -6.01 11.67 6.63
N LEU A 371 -6.84 10.64 6.69
CA LEU A 371 -7.66 10.36 7.87
C LEU A 371 -6.85 9.99 9.11
N TYR A 372 -5.91 9.07 8.95
CA TYR A 372 -5.06 8.64 10.08
C TYR A 372 -4.30 9.84 10.67
N ARG A 373 -3.59 10.57 9.81
CA ARG A 373 -2.74 11.66 10.32
C ARG A 373 -3.50 12.81 10.96
N GLN A 374 -4.63 13.17 10.37
CA GLN A 374 -5.43 14.23 10.92
C GLN A 374 -6.06 13.77 12.24
N SER A 375 -6.54 12.53 12.27
CA SER A 375 -7.13 11.94 13.50
C SER A 375 -6.10 11.90 14.61
N LEU A 376 -4.90 11.45 14.28
CA LEU A 376 -3.81 11.43 15.30
C LEU A 376 -3.46 12.82 15.78
N GLU A 377 -3.40 13.82 14.89
CA GLU A 377 -3.10 15.18 15.33
C GLU A 377 -4.06 15.67 16.42
N ILE A 378 -5.36 15.47 16.17
CA ILE A 378 -6.44 15.92 17.05
C ILE A 378 -6.36 15.15 18.39
N ILE A 379 -6.28 13.83 18.28
CA ILE A 379 -6.33 12.97 19.48
C ILE A 379 -5.08 13.16 20.34
N SER A 380 -3.92 13.10 19.71
CA SER A 380 -2.66 13.33 20.45
C SER A 380 -2.69 14.69 21.15
N ARG A 381 -3.09 15.74 20.43
CA ARG A 381 -3.14 17.06 21.07
C ARG A 381 -4.10 17.12 22.23
N TYR A 382 -5.30 16.54 22.09
CA TYR A 382 -6.29 16.55 23.19
C TYR A 382 -5.75 15.80 24.40
N LEU A 383 -5.22 14.60 24.16
CA LEU A 383 -4.71 13.79 25.31
C LEU A 383 -3.58 14.52 26.03
N ARG A 384 -2.64 15.10 25.28
CA ARG A 384 -1.49 15.77 25.88
C ARG A 384 -1.86 17.03 26.62
N GLU A 385 -2.73 17.84 26.04
CA GLU A 385 -3.17 19.07 26.77
C GLU A 385 -4.00 18.77 28.00
N GLN A 386 -4.83 17.71 27.94
CA GLN A 386 -5.58 17.25 29.08
C GLN A 386 -4.67 16.83 30.21
N ALA A 387 -3.61 16.10 29.84
CA ALA A 387 -2.67 15.52 30.84
C ALA A 387 -1.85 16.57 31.53
N THR A 388 -1.37 17.55 30.76
CA THR A 388 -0.41 18.58 31.26
C THR A 388 -1.06 19.91 31.67
N GLY A 389 -2.25 20.15 31.16
CA GLY A 389 -2.94 21.44 31.39
C GLY A 389 -2.58 22.54 30.41
N ALA A 390 -1.65 22.32 29.48
CA ALA A 390 -1.20 23.34 28.55
C ALA A 390 -1.26 22.84 27.10
N ALA A 391 -1.67 23.71 26.20
CA ALA A 391 -1.86 23.36 24.78
C ALA A 391 -0.56 23.33 24.03
N ASP A 392 -0.60 22.63 22.91
CA ASP A 392 0.53 22.54 22.00
C ASP A 392 0.46 23.79 21.10
N THR A 393 1.57 24.51 21.11
CA THR A 393 1.77 25.74 20.35
C THR A 393 2.16 25.50 18.89
N ALA A 394 2.58 24.28 18.55
CA ALA A 394 2.98 23.96 17.17
C ALA A 394 1.83 24.20 16.16
N PRO A 395 2.15 24.72 14.96
CA PRO A 395 1.10 24.82 13.92
C PRO A 395 0.47 23.47 13.57
N MET A 396 -0.84 23.50 13.31
CA MET A 396 -1.59 22.31 12.89
C MET A 396 -1.17 21.70 11.56
N GLY A 397 -0.67 22.56 10.66
CA GLY A 397 -0.23 22.12 9.35
C GLY A 397 -1.38 21.99 8.39
N ALA A 398 -1.30 21.01 7.49
CA ALA A 398 -2.28 20.79 6.43
C ALA A 398 -3.67 20.51 6.99
N SER A 399 -4.68 21.04 6.29
CA SER A 399 -6.07 21.08 6.77
C SER A 399 -6.17 21.51 8.24
N GLY A 400 -5.45 22.59 8.56
CA GLY A 400 -5.28 23.04 9.92
C GLY A 400 -6.50 23.67 10.55
N ALA A 401 -7.36 24.29 9.74
CA ALA A 401 -8.60 24.88 10.26
C ALA A 401 -9.53 23.78 10.80
N THR A 402 -9.60 22.67 10.06
CA THR A 402 -10.39 21.51 10.44
C THR A 402 -9.87 20.88 11.74
N SER A 403 -8.56 20.63 11.79
CA SER A 403 -7.93 20.13 13.03
C SER A 403 -8.16 21.04 14.22
N ARG A 404 -7.94 22.35 14.04
CA ARG A 404 -8.13 23.31 15.11
C ARG A 404 -9.58 23.32 15.62
N LYS A 405 -10.53 23.37 14.68
CA LYS A 405 -11.96 23.39 15.03
C LYS A 405 -12.44 22.07 15.64
N ALA A 406 -11.90 20.95 15.16
CA ALA A 406 -12.17 19.63 15.73
C ALA A 406 -11.63 19.57 17.16
N LEU A 407 -10.40 20.05 17.38
CA LEU A 407 -9.88 20.13 18.76
C LEU A 407 -10.73 21.03 19.66
N GLU A 408 -11.17 22.19 19.15
CA GLU A 408 -12.05 23.05 19.97
C GLU A 408 -13.38 22.40 20.33
N THR A 409 -13.94 21.68 19.37
CA THR A 409 -15.19 20.95 19.57
C THR A 409 -15.00 19.86 20.62
N LEU A 410 -13.94 19.11 20.42
CA LEU A 410 -13.57 18.05 21.33
C LEU A 410 -13.33 18.55 22.75
N ARG A 411 -12.70 19.74 22.93
CA ARG A 411 -12.58 20.35 24.25
C ARG A 411 -13.94 20.51 24.92
N ARG A 412 -14.90 21.06 24.19
N ARG A 412 -14.92 21.05 24.20
CA ARG A 412 -16.27 21.23 24.70
CA ARG A 412 -16.27 21.20 24.73
C ARG A 412 -16.94 19.92 25.07
C ARG A 412 -16.94 19.89 25.08
N VAL A 413 -17.08 19.02 24.10
CA VAL A 413 -17.88 17.78 24.28
C VAL A 413 -17.12 16.72 25.09
N GLY A 414 -15.82 16.65 24.91
CA GLY A 414 -14.98 15.69 25.62
C GLY A 414 -14.87 16.03 27.08
N ASP A 415 -14.72 17.31 27.39
CA ASP A 415 -14.66 17.69 28.80
C ASP A 415 -15.99 17.39 29.49
N GLY A 416 -17.12 17.59 28.80
CA GLY A 416 -18.43 17.25 29.31
C GLY A 416 -18.57 15.76 29.57
N VAL A 417 -18.12 14.92 28.62
CA VAL A 417 -18.19 13.47 28.82
C VAL A 417 -17.36 13.05 30.06
N GLN A 418 -16.16 13.57 30.21
CA GLN A 418 -15.31 13.20 31.36
C GLN A 418 -15.94 13.64 32.69
N ARG A 419 -16.62 14.79 32.69
CA ARG A 419 -17.37 15.19 33.91
C ARG A 419 -18.54 14.27 34.19
N ASN A 420 -19.38 14.08 33.19
CA ASN A 420 -20.64 13.35 33.36
C ASN A 420 -20.45 11.86 33.61
N HIS A 421 -19.39 11.30 33.03
CA HIS A 421 -19.05 9.89 33.18
C HIS A 421 -17.83 9.69 34.08
N GLU A 422 -17.58 10.62 35.00
CA GLU A 422 -16.48 10.45 35.93
C GLU A 422 -16.56 9.12 36.69
N THR A 423 -17.78 8.73 37.09
CA THR A 423 -17.94 7.51 37.88
C THR A 423 -17.57 6.27 37.06
N ALA A 424 -18.08 6.13 35.84
CA ALA A 424 -17.76 4.93 35.00
C ALA A 424 -16.28 4.94 34.60
N PHE A 425 -15.76 6.12 34.31
CA PHE A 425 -14.36 6.27 33.91
C PHE A 425 -13.39 5.92 35.04
N GLN A 426 -13.62 6.47 36.24
CA GLN A 426 -12.79 6.13 37.42
C GLN A 426 -12.85 4.65 37.73
N GLY A 427 -14.05 4.07 37.64
CA GLY A 427 -14.22 2.64 37.90
C GLY A 427 -13.47 1.76 36.93
N MET A 428 -13.56 2.08 35.65
CA MET A 428 -12.91 1.30 34.61
C MET A 428 -11.40 1.51 34.61
N LEU A 429 -10.94 2.74 34.89
CA LEU A 429 -9.52 3.04 35.01
C LEU A 429 -8.90 2.13 36.07
N ARG A 430 -9.56 2.04 37.23
CA ARG A 430 -9.05 1.15 38.32
C ARG A 430 -9.00 -0.34 37.95
N LYS A 431 -10.05 -0.84 37.31
CA LYS A 431 -10.09 -2.23 36.82
C LYS A 431 -9.04 -2.56 35.76
N LEU A 432 -8.76 -1.62 34.87
CA LEU A 432 -7.76 -1.84 33.83
C LEU A 432 -6.32 -1.86 34.35
N ASP A 433 -6.06 -1.10 35.43
CA ASP A 433 -4.78 -1.06 36.13
C ASP A 433 -3.63 -0.82 35.14
N ILE A 434 -3.75 0.29 34.45
CA ILE A 434 -2.76 0.69 33.42
C ILE A 434 -1.57 1.36 34.11
N LYS A 435 -0.40 0.72 34.01
CA LYS A 435 0.82 1.13 34.73
C LYS A 435 2.02 1.60 33.88
N ASN A 436 2.08 1.18 32.63
CA ASN A 436 3.28 1.35 31.79
C ASN A 436 2.96 1.10 30.34
N GLU A 437 3.97 1.24 29.49
CA GLU A 437 3.79 1.12 28.06
C GLU A 437 3.29 -0.26 27.64
N ASP A 438 3.72 -1.32 28.35
CA ASP A 438 3.22 -2.69 28.07
C ASP A 438 1.70 -2.83 28.26
N ASP A 439 1.19 -2.23 29.32
CA ASP A 439 -0.26 -2.20 29.60
C ASP A 439 -1.04 -1.42 28.53
N VAL A 440 -0.47 -0.30 28.07
CA VAL A 440 -1.05 0.49 26.97
C VAL A 440 -1.14 -0.34 25.69
N LYS A 441 -0.08 -1.08 25.36
CA LYS A 441 -0.08 -1.91 24.15
C LYS A 441 -1.14 -3.02 24.18
N SER A 442 -1.48 -3.49 25.37
CA SER A 442 -2.51 -4.50 25.54
C SER A 442 -3.94 -3.99 25.35
N LEU A 443 -4.14 -2.66 25.33
CA LEU A 443 -5.47 -2.08 25.18
C LEU A 443 -6.10 -2.26 23.81
N SER A 444 -5.31 -2.31 22.73
CA SER A 444 -5.85 -2.36 21.38
C SER A 444 -6.99 -3.39 21.18
N ARG A 445 -6.75 -4.63 21.59
CA ARG A 445 -7.70 -5.74 21.33
C ARG A 445 -9.07 -5.52 22.01
N VAL A 446 -9.03 -5.17 23.29
CA VAL A 446 -10.24 -4.86 24.06
C VAL A 446 -10.98 -3.59 23.57
N MET A 447 -10.23 -2.55 23.23
N MET A 447 -10.25 -2.53 23.24
CA MET A 447 -10.80 -1.32 22.68
CA MET A 447 -10.85 -1.31 22.65
C MET A 447 -11.53 -1.57 21.36
C MET A 447 -11.59 -1.63 21.37
N ILE A 448 -10.95 -2.39 20.47
CA ILE A 448 -11.61 -2.78 19.18
C ILE A 448 -12.90 -3.56 19.43
N HIS A 449 -12.82 -4.50 20.35
CA HIS A 449 -13.99 -5.34 20.72
C HIS A 449 -15.19 -4.48 21.14
N VAL A 450 -14.93 -3.59 22.09
CA VAL A 450 -15.97 -2.73 22.70
C VAL A 450 -16.49 -1.71 21.68
N PHE A 451 -15.58 -1.00 21.03
CA PHE A 451 -15.93 0.09 20.12
C PHE A 451 -16.58 -0.42 18.82
N SER A 452 -16.12 -1.56 18.29
CA SER A 452 -16.67 -2.15 17.02
C SER A 452 -18.11 -2.67 17.15
N ASP A 453 -18.49 -3.05 18.37
CA ASP A 453 -19.82 -3.57 18.65
C ASP A 453 -20.83 -2.41 18.74
N GLY A 454 -22.04 -2.60 18.20
CA GLY A 454 -23.12 -1.62 18.38
C GLY A 454 -23.14 -0.53 17.36
N VAL A 455 -23.87 0.55 17.67
CA VAL A 455 -24.11 1.62 16.73
C VAL A 455 -22.85 2.47 16.49
N THR A 456 -22.84 3.16 15.36
CA THR A 456 -21.82 4.12 14.99
C THR A 456 -22.40 5.51 15.09
N ASN A 457 -21.75 6.35 15.89
CA ASN A 457 -22.08 7.76 15.94
C ASN A 457 -20.95 8.54 16.52
N TRP A 458 -21.04 9.87 16.39
CA TRP A 458 -20.00 10.77 16.88
C TRP A 458 -19.89 10.72 18.43
N GLY A 459 -21.00 10.48 19.13
CA GLY A 459 -20.96 10.42 20.59
C GLY A 459 -20.06 9.34 21.14
N ARG A 460 -20.12 8.16 20.52
CA ARG A 460 -19.26 7.05 20.89
C ARG A 460 -17.78 7.30 20.56
N ILE A 461 -17.55 7.98 19.45
CA ILE A 461 -16.19 8.49 19.14
C ILE A 461 -15.66 9.43 20.22
N VAL A 462 -16.50 10.36 20.65
CA VAL A 462 -16.14 11.19 21.79
C VAL A 462 -15.83 10.37 23.06
N THR A 463 -16.63 9.36 23.38
CA THR A 463 -16.37 8.53 24.56
C THR A 463 -15.00 7.84 24.48
N LEU A 464 -14.70 7.31 23.32
CA LEU A 464 -13.40 6.65 23.06
C LEU A 464 -12.23 7.60 23.34
N ILE A 465 -12.31 8.79 22.78
CA ILE A 465 -11.24 9.75 22.90
C ILE A 465 -11.19 10.36 24.33
N SER A 466 -12.36 10.64 24.92
CA SER A 466 -12.45 11.23 26.25
C SER A 466 -11.93 10.30 27.36
N PHE A 467 -12.24 9.03 27.24
CA PHE A 467 -11.61 8.06 28.18
C PHE A 467 -10.11 7.99 27.93
N GLY A 468 -9.66 8.11 26.67
CA GLY A 468 -8.24 8.26 26.41
C GLY A 468 -7.60 9.41 27.17
N ALA A 469 -8.26 10.58 27.17
CA ALA A 469 -7.80 11.72 27.92
C ALA A 469 -7.76 11.46 29.44
N PHE A 470 -8.79 10.78 29.92
CA PHE A 470 -8.91 10.37 31.33
C PHE A 470 -7.72 9.47 31.74
N VAL A 471 -7.39 8.54 30.87
CA VAL A 471 -6.21 7.66 31.05
C VAL A 471 -4.91 8.46 30.95
N ALA A 472 -4.82 9.38 29.97
CA ALA A 472 -3.63 10.17 29.83
C ALA A 472 -3.33 11.02 31.07
N LYS A 473 -4.37 11.58 31.68
CA LYS A 473 -4.21 12.34 32.92
C LYS A 473 -3.60 11.44 33.99
N HIS A 474 -4.12 10.22 34.10
CA HIS A 474 -3.59 9.21 35.06
C HIS A 474 -2.12 8.91 34.74
N LEU A 475 -1.82 8.61 33.49
CA LEU A 475 -0.44 8.32 33.09
C LEU A 475 0.55 9.42 33.50
N LYS A 476 0.22 10.69 33.26
N LYS A 476 0.19 10.69 33.31
CA LYS A 476 1.09 11.80 33.59
CA LYS A 476 1.04 11.82 33.68
C LYS A 476 1.35 11.87 35.10
C LYS A 476 1.20 11.92 35.22
N THR A 477 0.28 11.72 35.88
N THR A 477 0.13 11.62 35.95
CA THR A 477 0.34 11.81 37.33
CA THR A 477 0.18 11.73 37.41
C THR A 477 1.33 10.80 37.93
C THR A 477 1.18 10.74 38.03
N ILE A 478 1.33 9.58 37.41
CA ILE A 478 2.24 8.48 37.86
C ILE A 478 3.60 8.43 37.14
N ASN A 479 4.00 9.54 36.51
CA ASN A 479 5.29 9.67 35.82
C ASN A 479 5.44 8.68 34.68
N GLN A 480 4.35 8.51 33.92
CA GLN A 480 4.37 7.69 32.71
C GLN A 480 3.88 8.52 31.52
N GLU A 481 4.35 9.77 31.48
CA GLU A 481 3.96 10.70 30.38
C GLU A 481 4.41 10.17 29.03
N SER A 482 5.52 9.43 29.00
CA SER A 482 5.98 8.78 27.76
C SER A 482 5.00 7.78 27.12
N CYS A 483 4.02 7.29 27.89
CA CYS A 483 2.99 6.38 27.39
C CYS A 483 1.86 7.09 26.64
N ILE A 484 1.77 8.42 26.72
CA ILE A 484 0.61 9.14 26.17
C ILE A 484 0.61 9.11 24.65
N GLU A 485 1.73 9.38 24.02
CA GLU A 485 1.78 9.30 22.53
C GLU A 485 1.45 7.88 22.00
N PRO A 486 2.04 6.80 22.56
CA PRO A 486 1.59 5.45 22.16
C PRO A 486 0.10 5.19 22.38
N LEU A 487 -0.45 5.75 23.46
CA LEU A 487 -1.92 5.62 23.75
C LEU A 487 -2.71 6.31 22.62
N ALA A 488 -2.28 7.51 22.29
CA ALA A 488 -2.96 8.27 21.24
C ALA A 488 -2.89 7.55 19.90
N GLU A 489 -1.72 7.00 19.59
CA GLU A 489 -1.57 6.21 18.35
C GLU A 489 -2.49 4.97 18.33
N SER A 490 -2.58 4.28 19.46
CA SER A 490 -3.43 3.10 19.58
C SER A 490 -4.92 3.43 19.39
N ILE A 491 -5.37 4.51 20.03
CA ILE A 491 -6.77 4.96 19.91
C ILE A 491 -7.09 5.37 18.45
N THR A 492 -6.17 6.11 17.85
CA THR A 492 -6.34 6.55 16.48
C THR A 492 -6.48 5.34 15.53
N ASP A 493 -5.60 4.38 15.71
CA ASP A 493 -5.62 3.16 14.90
C ASP A 493 -6.98 2.47 15.02
N VAL A 494 -7.47 2.30 16.24
CA VAL A 494 -8.81 1.71 16.48
C VAL A 494 -9.90 2.48 15.75
N LEU A 495 -9.89 3.79 15.93
CA LEU A 495 -10.87 4.63 15.32
C LEU A 495 -10.90 4.50 13.79
N VAL A 496 -9.76 4.69 13.15
CA VAL A 496 -9.73 4.78 11.70
C VAL A 496 -9.93 3.41 11.06
N ARG A 497 -9.41 2.36 11.68
CA ARG A 497 -9.57 0.99 11.11
C ARG A 497 -11.02 0.55 11.18
N THR A 498 -11.66 0.83 12.31
CA THR A 498 -13.04 0.37 12.52
C THR A 498 -14.08 1.20 11.82
N LYS A 499 -13.86 2.49 11.64
CA LYS A 499 -14.87 3.40 11.12
C LYS A 499 -14.51 4.16 9.84
N ARG A 500 -13.48 3.68 9.12
N ARG A 500 -13.50 3.69 9.11
CA ARG A 500 -13.00 4.29 7.86
CA ARG A 500 -13.02 4.34 7.89
C ARG A 500 -14.08 4.82 6.91
C ARG A 500 -14.11 4.85 6.93
N ASP A 501 -14.98 3.93 6.48
CA ASP A 501 -16.00 4.25 5.47
C ASP A 501 -17.02 5.27 5.98
N TRP A 502 -17.46 5.08 7.22
CA TRP A 502 -18.37 6.02 7.93
C TRP A 502 -17.75 7.39 8.06
N LEU A 503 -16.49 7.43 8.52
CA LEU A 503 -15.78 8.68 8.62
C LEU A 503 -15.68 9.44 7.30
N VAL A 504 -15.36 8.72 6.21
CA VAL A 504 -15.29 9.37 4.89
C VAL A 504 -16.69 9.93 4.46
N LYS A 505 -17.72 9.13 4.69
CA LYS A 505 -19.13 9.54 4.46
C LYS A 505 -19.54 10.83 5.21
N GLN A 506 -18.98 11.05 6.43
CA GLN A 506 -19.20 12.30 7.22
C GLN A 506 -18.38 13.50 6.81
N ARG A 507 -17.54 13.38 5.78
CA ARG A 507 -16.54 14.37 5.46
C ARG A 507 -15.52 14.47 6.59
N GLY A 508 -15.22 13.31 7.17
CA GLY A 508 -14.23 13.18 8.25
C GLY A 508 -14.51 14.15 9.39
N TRP A 509 -13.47 14.80 9.87
CA TRP A 509 -13.54 15.73 11.01
C TRP A 509 -14.36 16.99 10.76
N ASP A 510 -14.58 17.39 9.48
CA ASP A 510 -15.53 18.50 9.23
C ASP A 510 -16.96 18.11 9.62
N GLY A 511 -17.31 16.84 9.41
CA GLY A 511 -18.58 16.29 9.89
C GLY A 511 -18.76 16.40 11.39
N PHE A 512 -17.72 16.02 12.10
CA PHE A 512 -17.68 16.17 13.58
C PHE A 512 -17.96 17.58 14.07
N VAL A 513 -17.24 18.55 13.50
CA VAL A 513 -17.40 19.94 13.84
C VAL A 513 -18.83 20.41 13.57
N GLU A 514 -19.35 20.08 12.40
CA GLU A 514 -20.76 20.46 12.06
C GLU A 514 -21.79 19.77 12.94
N PHE A 515 -21.60 18.49 13.25
CA PHE A 515 -22.48 17.74 14.14
C PHE A 515 -22.64 18.40 15.50
N PHE A 516 -21.55 18.88 16.09
CA PHE A 516 -21.56 19.51 17.42
C PHE A 516 -21.58 21.07 17.44
N HIS A 517 -21.90 21.68 16.30
CA HIS A 517 -21.95 23.15 16.18
C HIS A 517 -23.02 23.70 17.14
N VAL A 518 -22.68 24.81 17.82
CA VAL A 518 -23.44 25.38 18.95
C VAL A 518 -23.38 24.45 20.16
C1 GLC B . 1.68 -6.40 -9.29
C2 GLC B . 2.75 -5.58 -8.58
C3 GLC B . 2.23 -4.98 -7.27
C4 GLC B . 0.93 -4.23 -7.55
C5 GLC B . -0.11 -5.11 -8.21
C6 GLC B . -1.33 -4.32 -8.69
O1 GLC B . 1.33 -7.55 -8.57
O2 GLC B . 3.86 -6.44 -8.28
O3 GLC B . 3.24 -4.09 -6.76
O4 GLC B . 0.45 -3.78 -6.28
O5 GLC B . 0.47 -5.68 -9.42
O6 GLC B . -2.46 -5.17 -8.87
C1 GLC B . 0.69 -2.40 -6.02
C2 GLC B . 1.08 -2.27 -4.53
C3 GLC B . -0.12 -2.74 -3.71
C4 GLC B . -1.37 -1.93 -4.00
C5 GLC B . -1.67 -1.97 -5.52
C6 GLC B . -2.75 -0.98 -5.87
O2 GLC B . 2.26 -3.04 -4.29
O3 GLC B . 0.25 -2.64 -2.31
O4 GLC B . -2.49 -2.39 -3.27
O5 GLC B . -0.48 -1.61 -6.22
O6 GLC B . -3.32 -1.26 -7.15
C1 A1CMH C . -19.76 2.81 26.94
C2 A1CMH C . -18.30 3.18 26.62
C3 A1CMH C . -17.82 3.32 25.33
C4 A1CMH C . -18.57 3.18 24.08
C8 A1CMH C . -15.59 3.85 24.22
C12 A1CMH C . -12.14 1.97 25.47
C15 A1CMH C . -10.15 0.86 27.20
C16 A1CMH C . -9.94 2.14 26.61
C17 A1CMH C . -8.76 2.86 26.88
C18 A1CMH C . -8.62 4.13 26.30
C21 A1CMH C . -10.73 3.98 25.17
C23 A1CMH C . -11.62 -1.14 27.56
C24 A1CMH C . -12.50 -0.90 28.82
C27 A1CMH C . -16.17 -0.85 28.22
C30 A1CMH C . -17.80 0.69 30.68
C31 A1CMH C . -18.55 2.00 30.59
C34 A1CMH C . -21.30 4.11 31.44
C35 A1CMH C . -19.21 4.07 30.05
C36 A1CMH C . -19.33 5.48 29.48
C37 A1CMH C . -18.20 3.11 29.82
C38 A1CMH C . -17.06 3.30 28.90
C39 A1CMH C . -17.21 3.34 27.49
C40 A1CMH C . -16.06 3.57 26.67
O5 A1CMH C . -18.13 2.49 23.16
O6 A1CMH C . -19.75 3.73 23.85
N7 A1CMH C . -16.46 3.56 25.35
C9 A1CMH C . -15.07 2.66 23.44
C10 A1CMH C . -14.26 1.81 24.34
O11 A1CMH C . -13.05 2.51 24.66
C13 A1CMH C . -12.29 0.70 26.07
C14 A1CMH C . -11.32 0.19 26.92
F19 A1CMH C . -7.52 4.85 26.58
C20 A1CMH C . -9.59 4.66 25.46
C22 A1CMH C . -10.96 2.69 25.74
C25 A1CMH C . -13.97 -1.12 28.60
C26 A1CMH C . -14.95 -0.17 28.36
C28 A1CMH C . -17.54 -0.35 27.96
S29 A1CMH C . -18.55 -0.49 29.50
N32 A1CMH C . -19.67 2.26 31.22
N33 A1CMH C . -20.08 3.51 30.88
C41 A1CMH C . -14.83 3.78 27.25
C42 A1CMH C . -14.67 3.72 28.62
C43 A1CMH C . -15.77 3.53 29.47
CL44 A1CMH C . -15.46 3.47 31.15
N45 A1CMH C . -15.93 -2.14 28.35
N46 A1CMH C . -14.59 -2.32 28.61
C47 A1CMH C . -13.97 -3.63 28.81
C1 EDO D . 19.12 2.34 -10.05
C1 EDO D . 18.54 2.92 -10.50
O1 EDO D . 18.59 3.35 -9.19
O1 EDO D . 17.61 1.83 -10.65
C2 EDO D . 20.50 2.02 -9.53
C2 EDO D . 19.76 2.52 -9.67
O2 EDO D . 20.97 0.72 -9.93
O2 EDO D . 20.29 1.27 -10.11
C1 EDO E . 2.42 -19.94 -13.28
O1 EDO E . 1.48 -19.16 -14.00
C2 EDO E . 3.38 -19.00 -12.54
O2 EDO E . 4.25 -19.73 -11.69
C1 EDO F . 18.29 -23.50 -7.76
O1 EDO F . 17.10 -23.36 -8.57
C2 EDO F . 18.16 -22.80 -6.41
O2 EDO F . 19.38 -22.22 -5.89
C1 EDO G . 10.70 4.36 2.28
O1 EDO G . 9.44 5.00 2.48
C2 EDO G . 10.64 3.25 1.22
O2 EDO G . 10.83 3.75 -0.12
C FMT H . -18.30 7.57 -16.56
O1 FMT H . -17.79 7.03 -17.55
O2 FMT H . -19.64 7.71 -16.52
#